data_7V12
#
_entry.id   7V12
#
_cell.length_a   58.604
_cell.length_b   59.627
_cell.length_c   66.686
_cell.angle_alpha   90.000
_cell.angle_beta   90.000
_cell.angle_gamma   90.000
#
_symmetry.space_group_name_H-M   'P 21 21 21'
#
loop_
_entity.id
_entity.type
_entity.pdbx_description
1 polymer 'Coagulation factor XIa light chain'
2 non-polymer 5-[1-[(1~{R})-1-[5-[3-chloranyl-2-fluoranyl-6-(1,2,3,4-tetrazol-1-yl)phenyl]-1-oxidanyl-pyridin-2-yl]-2-cyclopropyl-ethyl]pyrazol-4-yl]-6-fluoranyl-pyridin-2-amine
3 non-polymer 'CITRIC ACID'
4 water water
#
_entity_poly.entity_id   1
_entity_poly.type   'polypeptide(L)'
_entity_poly.pdbx_seq_one_letter_code
;IVGGTASVRGEWPWQVTLHTTSPTQRHLCGGSIIGNQWILTAAHCFYGVESPKILRVYSGILNQSEIKEDTSFFGVQEII
IHDQYKMAESGYDIALLKLETTVNYTDSQRPISLPSKGDRNVIYTDCWVTGWGYRKLRDKIQNTLQKAKIPLVTNEECQK
RYRGHKITHKMICAGYREGGKDACKGDSGGPLSCKHNEVWHLVGITSWGEGCAQRERPGVYTNVVEYVDWILEKTQAV
;
_entity_poly.pdbx_strand_id   A
#
# COMPACT_ATOMS: atom_id res chain seq x y z
N ILE A 1 0.57 -9.96 5.61
CA ILE A 1 2.01 -9.88 5.90
C ILE A 1 2.53 -11.22 6.42
N VAL A 2 3.55 -11.76 5.76
CA VAL A 2 4.25 -12.99 6.15
C VAL A 2 5.39 -12.64 7.09
N GLY A 3 5.50 -13.38 8.18
CA GLY A 3 6.62 -13.20 9.07
C GLY A 3 6.62 -11.90 9.82
N GLY A 4 5.45 -11.26 9.95
CA GLY A 4 5.33 -10.01 10.64
C GLY A 4 4.86 -10.21 12.06
N THR A 5 4.53 -9.09 12.70
CA THR A 5 4.00 -9.13 14.05
C THR A 5 2.91 -8.08 14.17
N ALA A 6 2.09 -8.23 15.21
CA ALA A 6 0.97 -7.33 15.43
C ALA A 6 1.44 -5.92 15.73
N SER A 7 0.72 -4.96 15.19
CA SER A 7 0.88 -3.55 15.54
C SER A 7 0.03 -3.21 16.76
N VAL A 8 0.27 -2.02 17.31
CA VAL A 8 -0.55 -1.51 18.39
C VAL A 8 -1.31 -0.30 17.87
N ARG A 9 -2.39 0.03 18.56
CA ARG A 9 -3.20 1.18 18.20
C ARG A 9 -2.32 2.40 18.05
N GLY A 10 -2.54 3.16 16.97
CA GLY A 10 -1.84 4.40 16.72
C GLY A 10 -0.48 4.27 16.07
N GLU A 11 0.00 3.05 15.82
CA GLU A 11 1.37 2.86 15.37
C GLU A 11 1.59 3.28 13.91
N TRP A 12 0.60 3.07 13.05
CA TRP A 12 0.71 3.36 11.62
C TRP A 12 -0.49 4.20 11.20
N PRO A 13 -0.55 5.47 11.63
CA PRO A 13 -1.81 6.21 11.54
C PRO A 13 -2.16 6.64 10.13
N TRP A 14 -1.26 6.50 9.16
CA TRP A 14 -1.62 6.75 7.77
C TRP A 14 -2.22 5.54 7.07
N GLN A 15 -2.16 4.36 7.68
CA GLN A 15 -2.68 3.14 7.08
C GLN A 15 -4.22 3.15 7.13
N VAL A 16 -4.86 2.88 5.99
CA VAL A 16 -6.31 2.69 5.98
C VAL A 16 -6.63 1.28 5.49
N THR A 17 -7.86 0.83 5.78
CA THR A 17 -8.38 -0.39 5.19
C THR A 17 -9.54 0.02 4.28
N LEU A 18 -9.40 -0.29 3.01
CA LEU A 18 -10.41 0.02 2.02
C LEU A 18 -11.33 -1.19 1.93
N HIS A 19 -12.63 -0.98 2.18
CA HIS A 19 -13.61 -2.05 2.09
C HIS A 19 -14.44 -1.90 0.83
N THR A 20 -14.78 -3.03 0.23
CA THR A 20 -15.86 -3.07 -0.73
C THR A 20 -17.11 -3.57 -0.01
N THR A 21 -18.28 -3.25 -0.56
CA THR A 21 -19.56 -3.69 0.00
C THR A 21 -20.39 -4.43 -1.03
N SER A 22 -19.75 -5.00 -2.04
CA SER A 22 -20.47 -5.70 -3.08
C SER A 22 -19.76 -6.99 -3.47
N PRO A 23 -20.44 -8.14 -3.36
CA PRO A 23 -21.82 -8.36 -2.88
C PRO A 23 -21.94 -8.36 -1.39
N THR A 24 -20.82 -8.31 -0.69
CA THR A 24 -20.88 -8.22 0.76
C THR A 24 -19.67 -7.43 1.22
N GLN A 25 -19.71 -6.98 2.48
CA GLN A 25 -18.63 -6.12 2.96
C GLN A 25 -17.39 -6.94 3.36
N ARG A 26 -16.24 -6.54 2.85
CA ARG A 26 -14.99 -7.17 3.22
C ARG A 26 -13.85 -6.19 2.96
N HIS A 27 -12.75 -6.38 3.67
CA HIS A 27 -11.52 -5.71 3.32
C HIS A 27 -11.11 -6.03 1.89
N LEU A 28 -10.78 -4.98 1.13
CA LEU A 28 -10.34 -5.09 -0.27
C LEU A 28 -8.86 -4.87 -0.43
N CYS A 29 -8.35 -3.80 0.17
CA CYS A 29 -6.96 -3.40 -0.03
C CYS A 29 -6.55 -2.48 1.09
N GLY A 30 -5.25 -2.31 1.22
CA GLY A 30 -4.73 -1.22 2.02
C GLY A 30 -4.67 0.08 1.24
N GLY A 31 -4.32 1.16 1.95
CA GLY A 31 -4.10 2.48 1.34
C GLY A 31 -3.42 3.36 2.36
N SER A 32 -2.99 4.54 1.90
CA SER A 32 -2.25 5.48 2.76
C SER A 32 -2.89 6.86 2.67
N ILE A 33 -3.06 7.51 3.83
CA ILE A 33 -3.51 8.90 3.85
C ILE A 33 -2.35 9.78 3.39
N ILE A 34 -2.54 10.55 2.30
CA ILE A 34 -1.55 11.53 1.87
C ILE A 34 -2.08 12.96 1.90
N GLY A 35 -3.33 13.15 2.24
CA GLY A 35 -3.91 14.49 2.32
C GLY A 35 -5.25 14.35 3.00
N ASN A 36 -5.83 15.49 3.40
CA ASN A 36 -7.06 15.40 4.19
C ASN A 36 -8.19 14.76 3.41
N GLN A 37 -8.13 14.84 2.09
CA GLN A 37 -9.15 14.28 1.21
C GLN A 37 -8.60 13.19 0.29
N TRP A 38 -7.40 12.65 0.55
CA TRP A 38 -6.69 11.89 -0.49
C TRP A 38 -6.06 10.64 0.09
N ILE A 39 -6.41 9.49 -0.48
CA ILE A 39 -5.78 8.20 -0.20
C ILE A 39 -5.00 7.74 -1.42
N LEU A 40 -3.79 7.23 -1.21
CA LEU A 40 -2.99 6.64 -2.27
C LEU A 40 -3.02 5.13 -2.12
N THR A 41 -3.33 4.43 -3.21
CA THR A 41 -3.47 2.97 -3.14
C THR A 41 -3.06 2.39 -4.50
N ALA A 42 -3.38 1.11 -4.73
CA ALA A 42 -2.97 0.42 -5.95
C ALA A 42 -4.15 0.34 -6.93
N ALA A 43 -3.86 0.60 -8.21
CA ALA A 43 -4.90 0.54 -9.25
C ALA A 43 -5.50 -0.86 -9.39
N HIS A 44 -4.70 -1.90 -9.17
CA HIS A 44 -5.17 -3.27 -9.27
C HIS A 44 -6.36 -3.52 -8.36
N CYS A 45 -6.45 -2.80 -7.25
CA CYS A 45 -7.53 -3.00 -6.29
C CYS A 45 -8.92 -2.87 -6.91
N PHE A 46 -9.07 -2.14 -8.00
CA PHE A 46 -10.40 -1.82 -8.51
C PHE A 46 -10.80 -2.70 -9.68
N TYR A 47 -10.06 -3.79 -9.88
CA TYR A 47 -10.36 -4.71 -10.98
C TYR A 47 -11.82 -5.11 -11.01
N GLY A 48 -12.37 -5.52 -9.88
CA GLY A 48 -13.76 -5.96 -9.89
C GLY A 48 -14.79 -4.93 -9.45
N VAL A 49 -14.41 -3.64 -9.37
CA VAL A 49 -15.19 -2.65 -8.65
C VAL A 49 -16.06 -1.87 -9.64
N GLU A 50 -17.39 -1.98 -9.51
CA GLU A 50 -18.27 -1.37 -10.52
C GLU A 50 -18.28 0.15 -10.45
N SER A 51 -18.04 0.72 -9.28
CA SER A 51 -17.99 2.19 -9.19
C SER A 51 -17.55 2.57 -7.78
N PRO A 52 -17.28 3.85 -7.52
CA PRO A 52 -16.90 4.27 -6.15
C PRO A 52 -18.03 4.10 -5.14
N LYS A 53 -19.28 3.97 -5.61
CA LYS A 53 -20.42 3.91 -4.69
C LYS A 53 -20.27 2.81 -3.65
N ILE A 54 -19.65 1.69 -4.01
CA ILE A 54 -19.59 0.55 -3.12
C ILE A 54 -18.37 0.54 -2.22
N LEU A 55 -17.50 1.56 -2.28
CA LEU A 55 -16.31 1.60 -1.44
C LEU A 55 -16.59 2.29 -0.10
N ARG A 56 -15.89 1.82 0.94
CA ARG A 56 -15.82 2.52 2.22
C ARG A 56 -14.36 2.62 2.62
N VAL A 57 -13.91 3.81 3.03
CA VAL A 57 -12.54 3.97 3.56
C VAL A 57 -12.63 4.06 5.08
N TYR A 58 -11.94 3.15 5.78
CA TYR A 58 -11.85 3.21 7.23
C TYR A 58 -10.45 3.59 7.66
N SER A 59 -10.35 4.61 8.50
CA SER A 59 -9.08 5.02 9.07
C SER A 59 -9.15 4.88 10.59
N GLY A 60 -7.97 4.90 11.21
CA GLY A 60 -7.90 4.73 12.63
C GLY A 60 -8.26 3.34 13.12
N ILE A 61 -8.09 2.32 12.27
CA ILE A 61 -8.49 0.96 12.57
C ILE A 61 -7.26 0.14 12.94
N LEU A 62 -7.29 -0.50 14.11
CA LEU A 62 -6.29 -1.50 14.43
C LEU A 62 -6.79 -2.88 14.05
N ASN A 63 -7.93 -3.29 14.60
CA ASN A 63 -8.49 -4.62 14.35
C ASN A 63 -9.67 -4.54 13.40
N GLN A 64 -9.71 -5.46 12.42
CA GLN A 64 -10.85 -5.48 11.51
C GLN A 64 -12.16 -5.64 12.27
N SER A 65 -12.12 -6.34 13.41
CA SER A 65 -13.32 -6.57 14.20
C SER A 65 -13.86 -5.30 14.85
N GLU A 66 -13.10 -4.20 14.84
CA GLU A 66 -13.65 -2.93 15.31
C GLU A 66 -14.75 -2.39 14.41
N ILE A 67 -14.79 -2.80 13.14
CA ILE A 67 -15.71 -2.19 12.18
C ILE A 67 -17.09 -2.82 12.33
N LYS A 68 -18.07 -2.02 12.73
CA LYS A 68 -19.44 -2.46 12.90
C LYS A 68 -20.34 -1.52 12.09
N GLU A 69 -21.65 -1.78 12.14
CA GLU A 69 -22.54 -1.05 11.24
C GLU A 69 -22.63 0.43 11.57
N ASP A 70 -22.21 0.84 12.76
CA ASP A 70 -22.17 2.24 13.09
C ASP A 70 -20.76 2.81 13.10
N THR A 71 -19.76 2.05 12.66
CA THR A 71 -18.41 2.63 12.57
C THR A 71 -18.36 3.65 11.44
N SER A 72 -17.83 4.85 11.71
CA SER A 72 -17.79 5.86 10.68
C SER A 72 -16.73 5.53 9.63
N PHE A 73 -17.02 5.90 8.39
CA PHE A 73 -16.13 5.66 7.27
C PHE A 73 -16.27 6.85 6.33
N PHE A 74 -15.32 6.98 5.41
CA PHE A 74 -15.38 8.03 4.41
C PHE A 74 -15.86 7.45 3.10
N GLY A 75 -16.82 8.12 2.45
CA GLY A 75 -17.17 7.78 1.09
C GLY A 75 -16.07 8.18 0.12
N VAL A 76 -16.06 7.52 -1.03
CA VAL A 76 -15.10 7.82 -2.11
C VAL A 76 -15.84 8.59 -3.19
N GLN A 77 -15.40 9.83 -3.46
CA GLN A 77 -15.98 10.67 -4.49
C GLN A 77 -15.46 10.28 -5.87
N GLU A 78 -14.18 9.92 -5.96
CA GLU A 78 -13.59 9.62 -7.25
C GLU A 78 -12.47 8.60 -7.09
N ILE A 79 -12.35 7.68 -8.05
CA ILE A 79 -11.17 6.83 -8.17
C ILE A 79 -10.38 7.32 -9.37
N ILE A 80 -9.12 7.70 -9.15
CA ILE A 80 -8.27 8.21 -10.21
C ILE A 80 -7.19 7.16 -10.47
N ILE A 81 -7.32 6.41 -11.54
CA ILE A 81 -6.37 5.36 -11.85
C ILE A 81 -5.42 5.90 -12.89
N HIS A 82 -4.13 5.58 -12.77
CA HIS A 82 -3.18 6.05 -13.77
C HIS A 82 -3.61 5.60 -15.18
N ASP A 83 -3.54 6.52 -16.15
CA ASP A 83 -4.11 6.19 -17.45
CA ASP A 83 -4.07 6.25 -17.48
C ASP A 83 -3.32 5.13 -18.21
N GLN A 84 -2.09 4.82 -17.80
CA GLN A 84 -1.36 3.75 -18.45
C GLN A 84 -1.43 2.43 -17.70
N TYR A 85 -2.19 2.35 -16.61
CA TYR A 85 -2.32 1.09 -15.91
C TYR A 85 -3.05 0.07 -16.79
N LYS A 86 -2.48 -1.15 -16.83
CA LYS A 86 -3.04 -2.31 -17.52
C LYS A 86 -3.09 -3.52 -16.59
N MET A 87 -1.99 -3.84 -15.90
CA MET A 87 -1.99 -4.91 -14.91
C MET A 87 -0.83 -4.69 -13.95
N ALA A 88 -0.99 -5.17 -12.71
CA ALA A 88 -0.02 -4.84 -11.65
C ALA A 88 1.41 -5.10 -12.12
N GLU A 89 1.66 -6.28 -12.70
CA GLU A 89 3.03 -6.68 -13.01
C GLU A 89 3.66 -5.85 -14.11
N SER A 90 2.88 -5.06 -14.85
CA SER A 90 3.44 -4.23 -15.90
C SER A 90 3.50 -2.76 -15.48
N GLY A 91 3.35 -2.46 -14.19
CA GLY A 91 3.60 -1.13 -13.67
C GLY A 91 2.37 -0.23 -13.68
N TYR A 92 2.63 1.03 -13.29
CA TYR A 92 1.57 2.05 -13.21
C TYR A 92 0.49 1.65 -12.21
N ASP A 93 0.86 0.82 -11.24
CA ASP A 93 -0.14 0.29 -10.29
C ASP A 93 -0.31 1.34 -9.18
N ILE A 94 -1.09 2.37 -9.50
CA ILE A 94 -1.25 3.51 -8.61
C ILE A 94 -2.61 4.14 -8.86
N ALA A 95 -3.26 4.55 -7.77
CA ALA A 95 -4.59 5.12 -7.80
C ALA A 95 -4.73 6.10 -6.65
N LEU A 96 -5.46 7.18 -6.90
CA LEU A 96 -5.86 8.10 -5.85
C LEU A 96 -7.33 7.89 -5.59
N LEU A 97 -7.71 7.89 -4.32
CA LEU A 97 -9.11 8.00 -3.90
C LEU A 97 -9.30 9.43 -3.39
N LYS A 98 -10.18 10.18 -4.02
CA LYS A 98 -10.61 11.46 -3.50
C LYS A 98 -11.80 11.20 -2.61
N LEU A 99 -11.68 11.59 -1.33
CA LEU A 99 -12.74 11.32 -0.39
C LEU A 99 -13.84 12.38 -0.52
N GLU A 100 -15.04 12.04 -0.01
CA GLU A 100 -16.16 12.96 -0.17
C GLU A 100 -15.96 14.21 0.67
N THR A 101 -15.22 14.09 1.78
CA THR A 101 -14.93 15.20 2.68
C THR A 101 -13.51 15.05 3.25
N THR A 102 -13.09 16.06 4.02
CA THR A 102 -11.73 16.11 4.55
C THR A 102 -11.60 15.37 5.88
N VAL A 103 -10.67 14.43 5.95
CA VAL A 103 -10.27 13.86 7.24
C VAL A 103 -9.76 15.02 8.08
N ASN A 104 -10.34 15.23 9.27
CA ASN A 104 -9.63 15.99 10.30
C ASN A 104 -8.58 15.06 10.88
N TYR A 105 -7.31 15.46 10.82
CA TYR A 105 -6.27 14.59 11.32
C TYR A 105 -6.35 14.46 12.84
N THR A 106 -6.07 13.25 13.34
CA THR A 106 -6.01 12.98 14.78
C THR A 106 -4.84 12.05 15.05
N ASP A 107 -4.62 11.75 16.32
CA ASP A 107 -3.56 10.80 16.67
C ASP A 107 -3.70 9.49 15.89
N SER A 108 -4.91 9.07 15.58
CA SER A 108 -5.08 7.78 14.92
C SER A 108 -5.19 7.89 13.40
N GLN A 109 -5.26 9.10 12.85
CA GLN A 109 -5.41 9.25 11.40
C GLN A 109 -4.57 10.46 10.98
N ARG A 110 -3.41 10.16 10.40
CA ARG A 110 -2.37 11.14 10.10
C ARG A 110 -1.88 10.91 8.68
N PRO A 111 -1.36 11.96 8.03
CA PRO A 111 -0.79 11.80 6.68
C PRO A 111 0.64 11.30 6.76
N ILE A 112 1.06 10.59 5.71
CA ILE A 112 2.46 10.29 5.48
C ILE A 112 2.97 11.16 4.33
N SER A 113 4.17 11.70 4.50
CA SER A 113 4.74 12.56 3.47
C SER A 113 5.14 11.74 2.25
N LEU A 114 5.07 12.37 1.07
CA LEU A 114 5.65 11.76 -0.13
C LEU A 114 7.17 11.85 -0.04
N PRO A 115 7.88 11.03 -0.80
CA PRO A 115 9.33 11.20 -0.90
C PRO A 115 9.63 12.63 -1.33
N SER A 116 10.57 13.27 -0.62
CA SER A 116 10.73 14.72 -0.67
C SER A 116 11.59 15.14 -1.86
N LYS A 117 11.31 16.33 -2.37
CA LYS A 117 12.14 16.90 -3.42
C LYS A 117 13.57 17.01 -2.92
N GLY A 118 14.50 16.50 -3.71
CA GLY A 118 15.89 16.50 -3.32
C GLY A 118 16.35 15.31 -2.52
N ASP A 119 15.51 14.28 -2.37
CA ASP A 119 15.90 13.05 -1.71
C ASP A 119 16.04 11.89 -2.69
N ARG A 120 16.17 12.19 -3.98
CA ARG A 120 16.10 11.11 -4.97
C ARG A 120 17.15 10.04 -4.73
N ASN A 121 18.30 10.44 -4.18
CA ASN A 121 19.43 9.55 -3.95
C ASN A 121 19.62 9.23 -2.46
N VAL A 122 18.54 9.21 -1.69
CA VAL A 122 18.63 8.71 -0.33
C VAL A 122 18.59 7.19 -0.37
N ILE A 123 19.41 6.57 0.47
CA ILE A 123 19.38 5.13 0.67
C ILE A 123 18.51 4.91 1.89
N TYR A 124 17.34 4.29 1.69
CA TYR A 124 16.39 4.05 2.76
C TYR A 124 16.71 2.70 3.38
N THR A 125 17.13 2.72 4.65
CA THR A 125 17.47 1.51 5.40
C THR A 125 16.46 1.16 6.49
N ASP A 126 15.35 1.92 6.63
CA ASP A 126 14.36 1.66 7.70
C ASP A 126 12.96 1.62 7.08
N CYS A 127 12.66 0.52 6.39
CA CYS A 127 11.44 0.39 5.61
C CYS A 127 10.58 -0.76 6.11
N TRP A 128 9.26 -0.51 6.14
CA TRP A 128 8.29 -1.43 6.73
C TRP A 128 7.09 -1.57 5.83
N VAL A 129 6.56 -2.80 5.74
CA VAL A 129 5.33 -3.08 5.02
CA VAL A 129 5.32 -3.10 5.02
C VAL A 129 4.27 -3.49 6.03
N THR A 130 3.05 -2.94 5.86
CA THR A 130 1.98 -3.16 6.84
C THR A 130 0.69 -3.58 6.15
N GLY A 131 -0.14 -4.33 6.87
CA GLY A 131 -1.40 -4.72 6.27
C GLY A 131 -2.10 -5.82 7.04
N TRP A 132 -3.32 -6.07 6.60
CA TRP A 132 -4.16 -7.12 7.16
C TRP A 132 -4.15 -8.38 6.30
N GLY A 133 -3.18 -8.52 5.41
CA GLY A 133 -3.24 -9.64 4.48
C GLY A 133 -2.86 -10.97 5.09
N TYR A 134 -2.84 -11.99 4.22
CA TYR A 134 -2.49 -13.36 4.58
C TYR A 134 -1.11 -13.43 5.22
N ARG A 135 -0.96 -14.34 6.17
CA ARG A 135 0.36 -14.65 6.71
C ARG A 135 1.08 -15.72 5.90
N LYS A 136 0.43 -16.27 4.88
CA LYS A 136 0.98 -17.27 3.98
C LYS A 136 0.06 -17.35 2.77
N LEU A 137 0.52 -18.04 1.73
CA LEU A 137 -0.12 -17.92 0.42
C LEU A 137 -1.59 -18.34 0.46
N ARG A 138 -1.92 -19.40 1.21
CA ARG A 138 -3.32 -19.81 1.40
C ARG A 138 -3.65 -19.64 2.88
N ASP A 139 -4.40 -18.59 3.21
CA ASP A 139 -4.56 -18.16 4.59
C ASP A 139 -5.87 -17.42 4.75
N LYS A 140 -5.88 -16.33 5.51
CA LYS A 140 -7.07 -15.51 5.68
C LYS A 140 -6.65 -14.09 6.03
N ILE A 141 -7.55 -13.15 5.78
CA ILE A 141 -7.33 -11.78 6.25
C ILE A 141 -7.16 -11.82 7.76
N GLN A 142 -6.18 -11.09 8.26
CA GLN A 142 -5.83 -11.05 9.67
C GLN A 142 -6.63 -9.97 10.39
N ASN A 143 -6.97 -10.25 11.66
CA ASN A 143 -7.71 -9.24 12.41
C ASN A 143 -6.81 -8.04 12.73
N THR A 144 -5.63 -8.28 13.31
CA THR A 144 -4.80 -7.17 13.75
C THR A 144 -3.79 -6.78 12.68
N LEU A 145 -3.73 -5.47 12.38
CA LEU A 145 -2.76 -4.92 11.44
C LEU A 145 -1.38 -5.47 11.76
N GLN A 146 -0.71 -6.05 10.76
CA GLN A 146 0.61 -6.63 10.92
C GLN A 146 1.67 -5.71 10.33
N LYS A 147 2.90 -5.83 10.84
CA LYS A 147 4.02 -5.06 10.33
C LYS A 147 5.22 -5.99 10.14
N ALA A 148 6.09 -5.62 9.20
CA ALA A 148 7.35 -6.32 8.99
C ALA A 148 8.36 -5.34 8.41
N LYS A 149 9.59 -5.41 8.91
CA LYS A 149 10.69 -4.62 8.36
C LYS A 149 11.31 -5.39 7.21
N ILE A 150 11.48 -4.75 6.07
CA ILE A 150 11.97 -5.44 4.89
C ILE A 150 13.00 -4.58 4.18
N PRO A 151 14.14 -5.13 3.77
CA PRO A 151 15.17 -4.31 3.11
C PRO A 151 14.89 -4.10 1.62
N LEU A 152 15.20 -2.91 1.13
CA LEU A 152 15.13 -2.65 -0.30
C LEU A 152 16.21 -3.44 -1.02
N VAL A 153 15.93 -3.84 -2.25
CA VAL A 153 16.92 -4.45 -3.11
C VAL A 153 17.05 -3.56 -4.35
N THR A 154 18.20 -3.62 -5.02
CA THR A 154 18.39 -2.76 -6.18
C THR A 154 17.50 -3.24 -7.32
N ASN A 155 17.17 -2.33 -8.24
CA ASN A 155 16.40 -2.78 -9.41
C ASN A 155 17.19 -3.79 -10.22
N GLU A 156 18.52 -3.72 -10.18
CA GLU A 156 19.32 -4.68 -10.94
C GLU A 156 19.13 -6.09 -10.40
N GLU A 157 19.24 -6.27 -9.08
CA GLU A 157 18.97 -7.58 -8.50
C GLU A 157 17.53 -8.01 -8.74
N CYS A 158 16.60 -7.09 -8.57
CA CYS A 158 15.19 -7.43 -8.73
C CYS A 158 14.90 -7.96 -10.12
N GLN A 159 15.40 -7.26 -11.15
CA GLN A 159 15.22 -7.74 -12.52
C GLN A 159 15.75 -9.16 -12.67
N LYS A 160 16.89 -9.45 -12.05
CA LYS A 160 17.47 -10.77 -12.20
C LYS A 160 16.61 -11.87 -11.59
N ARG A 161 15.77 -11.54 -10.60
CA ARG A 161 14.83 -12.50 -10.03
C ARG A 161 13.53 -12.60 -10.82
N TYR A 162 13.26 -11.66 -11.72
CA TYR A 162 11.98 -11.59 -12.42
C TYR A 162 12.24 -11.38 -13.91
N ARG A 163 12.90 -12.36 -14.52
CA ARG A 163 13.33 -12.16 -15.89
C ARG A 163 12.18 -12.28 -16.88
N GLY A 164 10.99 -12.67 -16.45
CA GLY A 164 9.84 -12.62 -17.33
C GLY A 164 9.01 -11.35 -17.21
N HIS A 165 9.43 -10.39 -16.40
CA HIS A 165 8.75 -9.13 -16.22
C HIS A 165 9.70 -7.98 -16.54
N LYS A 166 9.16 -6.80 -16.85
CA LYS A 166 10.01 -5.61 -17.05
C LYS A 166 10.05 -4.85 -15.73
N ILE A 167 11.14 -4.98 -14.99
CA ILE A 167 11.32 -4.20 -13.76
C ILE A 167 11.87 -2.84 -14.21
N THR A 168 11.09 -1.78 -14.04
CA THR A 168 11.51 -0.44 -14.49
C THR A 168 11.86 0.44 -13.30
N HIS A 169 12.37 1.65 -13.62
CA HIS A 169 12.66 2.63 -12.57
C HIS A 169 11.40 3.08 -11.85
N LYS A 170 10.22 2.77 -12.37
CA LYS A 170 8.98 3.12 -11.68
C LYS A 170 8.53 2.03 -10.71
N MET A 171 9.34 1.00 -10.52
CA MET A 171 9.13 -0.01 -9.49
C MET A 171 10.28 0.03 -8.50
N ILE A 172 10.00 -0.41 -7.28
CA ILE A 172 11.02 -0.65 -6.26
C ILE A 172 10.72 -1.98 -5.59
N CYS A 173 11.75 -2.79 -5.40
CA CYS A 173 11.60 -4.13 -4.83
C CYS A 173 12.15 -4.21 -3.42
N ALA A 174 11.66 -5.18 -2.65
CA ALA A 174 12.07 -5.29 -1.26
C ALA A 174 11.81 -6.70 -0.75
N GLY A 175 12.77 -7.26 -0.04
CA GLY A 175 12.68 -8.61 0.46
C GLY A 175 14.05 -9.10 0.86
N TYR A 176 14.04 -10.23 1.58
CA TYR A 176 15.24 -10.92 2.01
C TYR A 176 15.60 -12.02 1.02
N ARG A 177 16.90 -12.24 0.85
CA ARG A 177 17.34 -13.28 -0.06
C ARG A 177 16.77 -14.63 0.35
N GLU A 178 16.77 -14.91 1.65
CA GLU A 178 16.22 -16.15 2.18
C GLU A 178 14.70 -16.17 2.26
N GLY A 179 14.03 -15.05 1.98
CA GLY A 179 12.58 -15.00 2.12
C GLY A 179 12.17 -14.85 3.58
N GLY A 180 10.89 -15.13 3.83
CA GLY A 180 10.36 -15.22 5.18
C GLY A 180 9.57 -14.01 5.64
N LYS A 181 9.75 -12.85 5.01
CA LYS A 181 8.96 -11.66 5.32
C LYS A 181 8.61 -10.98 4.01
N ASP A 182 7.34 -10.60 3.84
CA ASP A 182 6.84 -10.09 2.57
C ASP A 182 5.40 -9.65 2.77
N ALA A 183 4.89 -8.86 1.82
CA ALA A 183 3.44 -8.70 1.70
C ALA A 183 2.82 -9.99 1.19
N CYS A 184 1.50 -10.08 1.32
CA CYS A 184 0.76 -11.21 0.73
C CYS A 184 -0.67 -10.75 0.46
N LYS A 185 -1.53 -11.71 0.09
CA LYS A 185 -2.87 -11.37 -0.38
C LYS A 185 -3.63 -10.54 0.63
N GLY A 186 -4.13 -9.39 0.20
CA GLY A 186 -4.84 -8.47 1.06
C GLY A 186 -3.97 -7.31 1.53
N ASP A 187 -2.67 -7.35 1.25
CA ASP A 187 -1.80 -6.24 1.60
C ASP A 187 -1.67 -5.20 0.49
N SER A 188 -2.01 -5.54 -0.75
CA SER A 188 -1.76 -4.59 -1.83
C SER A 188 -2.53 -3.29 -1.63
N GLY A 189 -1.97 -2.22 -2.21
CA GLY A 189 -2.47 -0.88 -2.01
C GLY A 189 -1.95 -0.19 -0.77
N GLY A 190 -1.53 -0.94 0.25
CA GLY A 190 -0.97 -0.31 1.43
C GLY A 190 0.43 0.21 1.20
N PRO A 191 0.98 0.80 2.25
CA PRO A 191 2.28 1.48 2.16
C PRO A 191 3.48 0.56 2.37
N LEU A 192 4.56 0.92 1.66
CA LEU A 192 5.92 0.58 2.04
C LEU A 192 6.47 1.90 2.59
N SER A 193 6.58 1.98 3.92
CA SER A 193 6.91 3.23 4.62
C SER A 193 8.37 3.17 5.09
N CYS A 194 9.14 4.18 4.76
CA CYS A 194 10.54 4.28 5.16
C CYS A 194 10.77 5.53 5.97
N LYS A 195 11.46 5.38 7.09
CA LYS A 195 11.77 6.51 7.98
C LYS A 195 13.16 7.05 7.69
N HIS A 196 13.26 8.36 7.47
CA HIS A 196 14.56 8.98 7.18
C HIS A 196 14.62 10.29 7.96
N ASN A 197 15.70 10.46 8.75
CA ASN A 197 15.79 11.59 9.67
C ASN A 197 14.52 11.71 10.52
N GLU A 198 13.99 10.56 10.96
CA GLU A 198 12.85 10.46 11.87
C GLU A 198 11.55 10.96 11.26
N VAL A 199 11.49 11.05 9.93
CA VAL A 199 10.27 11.44 9.21
C VAL A 199 9.90 10.27 8.31
N TRP A 200 8.61 9.87 8.33
CA TRP A 200 8.17 8.77 7.48
C TRP A 200 7.87 9.27 6.09
N HIS A 201 8.28 8.47 5.09
CA HIS A 201 7.99 8.76 3.70
C HIS A 201 7.35 7.56 3.03
N LEU A 202 6.38 7.84 2.14
CA LEU A 202 5.65 6.77 1.44
C LEU A 202 6.48 6.39 0.23
N VAL A 203 7.37 5.41 0.41
CA VAL A 203 8.33 5.09 -0.65
C VAL A 203 7.72 4.14 -1.69
N GLY A 204 6.87 3.21 -1.26
CA GLY A 204 6.30 2.24 -2.20
C GLY A 204 4.83 2.04 -1.91
N ILE A 205 4.13 1.51 -2.94
CA ILE A 205 2.77 0.96 -2.79
C ILE A 205 2.85 -0.55 -3.04
N THR A 206 2.39 -1.34 -2.06
CA THR A 206 2.42 -2.79 -2.18
C THR A 206 1.67 -3.25 -3.44
N SER A 207 2.34 -4.00 -4.33
CA SER A 207 1.77 -4.25 -5.66
C SER A 207 1.69 -5.72 -6.06
N TRP A 208 2.82 -6.42 -6.14
CA TRP A 208 2.77 -7.82 -6.60
C TRP A 208 4.06 -8.55 -6.23
N GLY A 209 4.04 -9.86 -6.42
CA GLY A 209 5.23 -10.70 -6.25
C GLY A 209 4.88 -12.13 -6.62
N GLU A 210 5.91 -12.95 -6.76
CA GLU A 210 5.73 -14.37 -7.13
CA GLU A 210 5.69 -14.35 -7.13
C GLU A 210 5.66 -15.19 -5.85
N GLY A 211 4.45 -15.64 -5.49
CA GLY A 211 4.28 -16.24 -4.17
C GLY A 211 4.35 -15.15 -3.10
N CYS A 212 4.51 -15.59 -1.85
CA CYS A 212 4.69 -14.67 -0.72
C CYS A 212 5.90 -15.09 0.08
N ALA A 213 6.89 -14.20 0.19
CA ALA A 213 8.04 -14.42 1.06
C ALA A 213 8.89 -15.60 0.61
N GLN A 214 8.87 -15.90 -0.69
CA GLN A 214 9.70 -16.98 -1.17
C GLN A 214 11.15 -16.50 -1.27
N ARG A 215 12.06 -17.45 -1.21
CA ARG A 215 13.48 -17.15 -1.39
C ARG A 215 13.74 -16.50 -2.74
N GLU A 216 14.52 -15.42 -2.74
CA GLU A 216 14.98 -14.75 -3.96
C GLU A 216 13.83 -14.28 -4.85
N ARG A 217 12.68 -13.97 -4.26
CA ARG A 217 11.56 -13.37 -4.98
C ARG A 217 11.07 -12.18 -4.16
N PRO A 218 11.69 -11.01 -4.33
CA PRO A 218 11.27 -9.86 -3.54
C PRO A 218 9.88 -9.40 -3.94
N GLY A 219 9.21 -8.75 -2.98
CA GLY A 219 7.98 -8.08 -3.31
C GLY A 219 8.27 -6.87 -4.17
N VAL A 220 7.29 -6.52 -4.98
CA VAL A 220 7.41 -5.43 -5.94
C VAL A 220 6.41 -4.37 -5.58
N TYR A 221 6.85 -3.13 -5.54
CA TYR A 221 6.10 -1.98 -5.07
C TYR A 221 6.14 -0.92 -6.15
N THR A 222 5.05 -0.16 -6.25
CA THR A 222 5.08 1.06 -7.06
C THR A 222 6.04 2.06 -6.43
N ASN A 223 6.96 2.60 -7.24
CA ASN A 223 8.01 3.51 -6.74
C ASN A 223 7.40 4.90 -6.68
N VAL A 224 6.89 5.28 -5.51
CA VAL A 224 6.08 6.51 -5.41
C VAL A 224 6.85 7.75 -5.88
N VAL A 225 8.16 7.82 -5.62
CA VAL A 225 8.87 9.06 -5.98
C VAL A 225 8.72 9.36 -7.47
N GLU A 226 8.56 8.33 -8.30
CA GLU A 226 8.45 8.54 -9.74
C GLU A 226 7.05 8.97 -10.15
N TYR A 227 6.08 8.95 -9.24
CA TYR A 227 4.74 9.43 -9.52
C TYR A 227 4.43 10.74 -8.80
N VAL A 228 5.42 11.42 -8.23
CA VAL A 228 5.10 12.62 -7.46
C VAL A 228 4.48 13.68 -8.35
N ASP A 229 5.04 13.90 -9.55
CA ASP A 229 4.42 14.87 -10.46
C ASP A 229 2.97 14.49 -10.79
N TRP A 230 2.71 13.20 -11.02
CA TRP A 230 1.35 12.75 -11.31
C TRP A 230 0.41 12.97 -10.13
N ILE A 231 0.86 12.65 -8.91
CA ILE A 231 0.05 12.91 -7.72
C ILE A 231 -0.26 14.39 -7.59
N LEU A 232 0.76 15.24 -7.72
CA LEU A 232 0.54 16.67 -7.55
C LEU A 232 -0.41 17.21 -8.60
N GLU A 233 -0.31 16.70 -9.83
CA GLU A 233 -1.20 17.17 -10.88
C GLU A 233 -2.64 16.79 -10.54
N LYS A 234 -2.84 15.55 -10.09
CA LYS A 234 -4.20 15.09 -9.87
C LYS A 234 -4.81 15.73 -8.63
N THR A 235 -4.01 15.99 -7.59
CA THR A 235 -4.55 16.54 -6.35
C THR A 235 -4.65 18.07 -6.36
N GLN A 236 -4.27 18.73 -7.45
CA GLN A 236 -4.30 20.20 -7.50
C GLN A 236 -5.36 20.75 -8.45
#